data_4YIL
#
_entry.id   4YIL
#
_cell.length_a   141.395
_cell.length_b   141.395
_cell.length_c   42.820
_cell.angle_alpha   90.000
_cell.angle_beta   90.000
_cell.angle_gamma   90.000
#
_symmetry.space_group_name_H-M   'P 43 21 2'
#
loop_
_entity.id
_entity.type
_entity.pdbx_description
1 polymer 'NADPH dehydrogenase 1'
2 non-polymer 'FLAVIN MONONUCLEOTIDE'
3 non-polymer 'MAGNESIUM ION'
4 non-polymer 'SODIUM ION'
5 non-polymer 'methyl (2Z)-3-cyano-3-(4-fluorophenyl)prop-2-enoate'
6 water water
#
_entity_poly.entity_id   1
_entity_poly.type   'polypeptide(L)'
_entity_poly.pdbx_seq_one_letter_code
;SFVKDFKPQALGDTNLFKPIKIGNNELLHRAVIPPLTRMRALHPGNIPNRDWAVEYYTQRAQRPGTMIITEGAFISPQAG
GYDNAPGVWSEEQMVEWTKIFNAIHEKKSFVWVQLAVLGWAAFPDNLARDGLRYDSASDNVFMDAEQEAKAKKANNPQHS
LTKDEIKQYIKEYVQAAKNSIAAGADGVEIHSANGYLLNQFLDPHSNTRTDEYGGSIENRARFTLEVVDALVEAIGHEKV
GLRLSPYGVFNSMSGGAETGIVAQYAYVAGELEKRAKAGKRLAFVHLVEPRVTNPFLTEGEGEYEGGSNDFVYSIWKGPV
IRAGNFALHPEVVREEVKDKRTLIGYGRFFISNPDLVDRLEKGLPLNKYDRDTFYQMSAHGYIDYPTYEEALKLGWD
;
_entity_poly.pdbx_strand_id   A
#
loop_
_chem_comp.id
_chem_comp.type
_chem_comp.name
_chem_comp.formula
4D3 non-polymer 'methyl (2Z)-3-cyano-3-(4-fluorophenyl)prop-2-enoate' 'C11 H8 F N O2'
FMN non-polymer 'FLAVIN MONONUCLEOTIDE' 'C17 H21 N4 O9 P'
MG non-polymer 'MAGNESIUM ION' 'Mg 2'
NA non-polymer 'SODIUM ION' 'Na 1'
#
# COMPACT_ATOMS: atom_id res chain seq x y z
N SER A 1 25.55 -4.92 5.46
CA SER A 1 25.79 -6.24 6.05
C SER A 1 24.49 -7.01 6.25
N PHE A 2 24.62 -8.26 6.69
CA PHE A 2 23.46 -9.12 6.97
C PHE A 2 22.91 -8.84 8.36
N VAL A 3 21.63 -9.14 8.55
CA VAL A 3 20.99 -8.97 9.87
C VAL A 3 21.66 -9.94 10.85
N LYS A 4 22.15 -9.40 11.96
CA LYS A 4 22.78 -10.21 12.99
C LYS A 4 21.74 -10.94 13.83
N ASP A 5 22.09 -12.13 14.30
CA ASP A 5 21.22 -12.91 15.18
C ASP A 5 20.04 -13.57 14.47
N PHE A 6 19.66 -13.06 13.30
CA PHE A 6 18.58 -13.67 12.54
C PHE A 6 18.90 -15.10 12.18
N LYS A 7 17.99 -16.01 12.48
CA LYS A 7 18.14 -17.42 12.15
C LYS A 7 17.19 -17.77 11.01
N PRO A 8 17.71 -17.78 9.77
CA PRO A 8 16.87 -18.03 8.59
C PRO A 8 16.29 -19.42 8.60
N GLN A 9 15.16 -19.56 7.94
CA GLN A 9 14.50 -20.84 7.73
C GLN A 9 14.13 -20.92 6.25
N ALA A 10 14.47 -22.02 5.59
CA ALA A 10 14.02 -22.25 4.22
C ALA A 10 12.50 -22.47 4.19
N LEU A 11 11.80 -21.68 3.39
CA LEU A 11 10.34 -21.75 3.33
C LEU A 11 9.85 -22.40 2.04
N GLY A 12 10.79 -22.95 1.27
CA GLY A 12 10.46 -23.63 0.02
C GLY A 12 9.51 -24.80 0.16
N ASP A 13 9.45 -25.38 1.36
CA ASP A 13 8.56 -26.52 1.59
C ASP A 13 7.17 -26.11 2.09
N THR A 14 6.84 -24.82 1.99
CA THR A 14 5.55 -24.32 2.44
C THR A 14 4.73 -23.77 1.29
N ASN A 15 3.48 -23.45 1.56
CA ASN A 15 2.60 -22.83 0.56
C ASN A 15 3.08 -21.47 0.05
N LEU A 16 4.05 -20.87 0.74
CA LEU A 16 4.66 -19.65 0.21
C LEU A 16 5.20 -19.89 -1.19
N PHE A 17 5.58 -21.14 -1.48
CA PHE A 17 6.11 -21.48 -2.80
C PHE A 17 5.17 -22.30 -3.68
N LYS A 18 3.88 -22.19 -3.41
CA LYS A 18 2.85 -22.76 -4.26
CA LYS A 18 2.85 -22.77 -4.24
C LYS A 18 2.25 -21.67 -5.13
N PRO A 19 2.05 -21.97 -6.41
CA PRO A 19 1.47 -20.97 -7.32
CA PRO A 19 1.47 -20.96 -7.31
C PRO A 19 0.05 -20.59 -6.90
N ILE A 20 -0.38 -19.39 -7.27
CA ILE A 20 -1.74 -18.95 -6.99
C ILE A 20 -2.13 -17.89 -8.02
N LYS A 21 -3.41 -17.85 -8.38
CA LYS A 21 -3.88 -16.85 -9.33
C LYS A 21 -4.48 -15.66 -8.58
N ILE A 22 -3.99 -14.45 -8.89
CA ILE A 22 -4.55 -13.24 -8.32
C ILE A 22 -5.01 -12.37 -9.47
N GLY A 23 -6.31 -12.13 -9.59
CA GLY A 23 -6.85 -11.43 -10.73
C GLY A 23 -6.50 -12.19 -11.99
N ASN A 24 -5.89 -11.51 -12.95
CA ASN A 24 -5.51 -12.16 -14.20
C ASN A 24 -4.14 -12.82 -14.13
N ASN A 25 -3.46 -12.69 -12.99
CA ASN A 25 -2.05 -13.06 -12.89
C ASN A 25 -1.76 -14.41 -12.24
N GLU A 26 -1.03 -15.26 -12.95
CA GLU A 26 -0.58 -16.52 -12.39
C GLU A 26 0.72 -16.33 -11.62
N LEU A 27 0.60 -16.03 -10.32
CA LEU A 27 1.78 -15.93 -9.48
C LEU A 27 2.44 -17.29 -9.31
N LEU A 28 3.78 -17.30 -9.23
CA LEU A 28 4.49 -18.55 -9.04
C LEU A 28 4.88 -18.80 -7.59
N HIS A 29 4.66 -17.80 -6.75
CA HIS A 29 4.88 -17.92 -5.30
C HIS A 29 4.09 -16.80 -4.65
N ARG A 30 4.01 -16.83 -3.31
CA ARG A 30 3.07 -15.97 -2.60
C ARG A 30 3.75 -14.89 -1.76
N ALA A 31 5.01 -14.61 -2.07
CA ALA A 31 5.73 -13.47 -1.47
C ALA A 31 5.47 -12.24 -2.32
N VAL A 32 4.73 -11.29 -1.76
CA VAL A 32 4.28 -10.12 -2.50
C VAL A 32 5.09 -8.90 -2.08
N ILE A 33 5.39 -8.01 -3.03
CA ILE A 33 5.98 -6.73 -2.65
C ILE A 33 4.83 -5.79 -2.35
N PRO A 34 4.68 -5.39 -1.08
CA PRO A 34 3.62 -4.43 -0.76
C PRO A 34 4.03 -3.04 -1.22
N PRO A 35 3.07 -2.11 -1.26
CA PRO A 35 3.39 -0.73 -1.67
C PRO A 35 4.41 -0.07 -0.73
N LEU A 36 5.45 0.51 -1.33
CA LEU A 36 6.52 1.13 -0.58
C LEU A 36 6.94 2.47 -1.21
N THR A 37 6.43 3.54 -0.63
CA THR A 37 6.83 4.90 -1.01
C THR A 37 8.33 5.09 -0.80
N ARG A 38 9.02 5.61 -1.83
CA ARG A 38 10.47 5.80 -1.75
C ARG A 38 10.92 7.24 -1.98
N MET A 39 10.02 8.09 -2.47
CA MET A 39 10.30 9.52 -2.65
CA MET A 39 10.29 9.52 -2.63
C MET A 39 11.44 9.84 -3.62
N ARG A 40 11.56 9.06 -4.68
CA ARG A 40 12.54 9.38 -5.72
C ARG A 40 11.90 10.07 -6.91
N ALA A 41 10.59 10.31 -6.87
CA ALA A 41 9.96 11.01 -7.98
C ALA A 41 10.44 12.46 -8.04
N LEU A 42 10.48 13.01 -9.23
CA LEU A 42 11.08 14.33 -9.41
C LEU A 42 10.04 15.44 -9.56
N HIS A 43 10.42 16.62 -9.06
CA HIS A 43 9.60 17.82 -9.07
C HIS A 43 10.18 18.75 -10.12
N PRO A 44 9.32 19.47 -10.86
CA PRO A 44 7.87 19.49 -10.78
C PRO A 44 7.18 18.34 -11.52
N GLY A 45 5.93 18.09 -11.16
CA GLY A 45 5.09 17.19 -11.92
C GLY A 45 4.97 15.78 -11.36
N ASN A 46 5.59 15.52 -10.22
CA ASN A 46 5.49 14.21 -9.56
C ASN A 46 5.83 13.08 -10.54
N ILE A 47 6.98 13.18 -11.18
CA ILE A 47 7.37 12.24 -12.24
CA ILE A 47 7.37 12.24 -12.24
C ILE A 47 8.19 11.09 -11.69
N PRO A 48 7.76 9.84 -12.00
CA PRO A 48 8.56 8.69 -11.56
C PRO A 48 10.01 8.88 -11.99
N ASN A 49 10.95 8.51 -11.13
CA ASN A 49 12.36 8.84 -11.34
C ASN A 49 12.94 8.32 -12.65
N ARG A 50 13.33 9.26 -13.51
CA ARG A 50 13.80 8.99 -14.86
C ARG A 50 15.12 8.22 -14.88
N ASP A 51 15.90 8.32 -13.80
CA ASP A 51 17.22 7.69 -13.74
C ASP A 51 17.22 6.29 -13.15
N TRP A 52 16.37 6.05 -12.16
CA TRP A 52 16.54 4.86 -11.32
C TRP A 52 15.31 3.96 -11.14
N ALA A 53 14.12 4.46 -11.43
CA ALA A 53 12.92 3.72 -11.04
C ALA A 53 12.77 2.41 -11.81
N VAL A 54 13.07 2.42 -13.10
CA VAL A 54 13.02 1.20 -13.89
C VAL A 54 13.95 0.15 -13.30
N GLU A 55 15.17 0.56 -12.95
CA GLU A 55 16.15 -0.37 -12.38
CA GLU A 55 16.13 -0.39 -12.39
C GLU A 55 15.67 -0.93 -11.04
N TYR A 56 15.13 -0.05 -10.19
CA TYR A 56 14.60 -0.46 -8.89
C TYR A 56 13.56 -1.57 -9.02
N TYR A 57 12.56 -1.34 -9.86
CA TYR A 57 11.51 -2.32 -10.07
C TYR A 57 12.03 -3.56 -10.82
N THR A 58 12.97 -3.38 -11.73
CA THR A 58 13.53 -4.51 -12.47
C THR A 58 14.23 -5.46 -11.50
N GLN A 59 15.04 -4.91 -10.62
CA GLN A 59 15.72 -5.70 -9.60
C GLN A 59 14.72 -6.54 -8.79
N ARG A 60 13.65 -5.90 -8.36
CA ARG A 60 12.70 -6.55 -7.45
C ARG A 60 11.69 -7.44 -8.16
N ALA A 61 11.70 -7.39 -9.49
CA ALA A 61 10.88 -8.28 -10.32
C ALA A 61 11.65 -9.55 -10.73
N GLN A 62 12.90 -9.68 -10.28
CA GLN A 62 13.82 -10.69 -10.81
C GLN A 62 13.35 -12.13 -10.65
N ARG A 63 12.65 -12.43 -9.56
CA ARG A 63 12.07 -13.77 -9.40
C ARG A 63 10.82 -13.89 -10.28
N PRO A 64 10.83 -14.83 -11.22
CA PRO A 64 9.66 -14.92 -12.11
C PRO A 64 8.37 -15.13 -11.33
N GLY A 65 7.30 -14.51 -11.80
CA GLY A 65 5.98 -14.70 -11.21
C GLY A 65 5.74 -14.01 -9.87
N THR A 66 6.47 -12.92 -9.63
CA THR A 66 6.28 -12.11 -8.42
C THR A 66 5.21 -11.05 -8.61
N MET A 67 4.31 -10.92 -7.63
CA MET A 67 3.35 -9.82 -7.63
C MET A 67 3.97 -8.60 -6.94
N ILE A 68 4.04 -7.49 -7.66
CA ILE A 68 4.55 -6.24 -7.14
C ILE A 68 3.44 -5.22 -7.08
N ILE A 69 3.25 -4.63 -5.90
CA ILE A 69 2.34 -3.50 -5.77
C ILE A 69 3.22 -2.25 -5.70
N THR A 70 2.95 -1.27 -6.55
CA THR A 70 3.82 -0.08 -6.61
C THR A 70 3.72 0.76 -5.34
N GLU A 71 4.74 1.58 -5.13
CA GLU A 71 4.61 2.73 -4.24
C GLU A 71 3.29 3.45 -4.51
N GLY A 72 2.73 4.08 -3.48
CA GLY A 72 1.53 4.86 -3.69
C GLY A 72 1.69 5.89 -4.81
N ALA A 73 0.66 6.03 -5.63
CA ALA A 73 0.69 6.98 -6.73
C ALA A 73 -0.53 7.91 -6.66
N PHE A 74 -0.28 9.22 -6.61
CA PHE A 74 -1.36 10.18 -6.50
C PHE A 74 -2.29 10.15 -7.71
N ILE A 75 -3.58 10.14 -7.47
CA ILE A 75 -4.55 10.12 -8.56
C ILE A 75 -4.76 11.50 -9.24
N SER A 76 -4.32 12.57 -8.58
CA SER A 76 -4.53 13.94 -9.08
C SER A 76 -3.66 14.89 -8.26
N PRO A 77 -3.46 16.13 -8.73
CA PRO A 77 -2.71 17.09 -7.90
C PRO A 77 -3.36 17.30 -6.53
N GLN A 78 -4.68 17.41 -6.49
CA GLN A 78 -5.39 17.66 -5.23
C GLN A 78 -5.20 16.49 -4.25
N ALA A 79 -4.98 15.30 -4.79
CA ALA A 79 -4.75 14.11 -3.97
C ALA A 79 -3.34 14.04 -3.38
N GLY A 80 -2.45 14.91 -3.85
CA GLY A 80 -1.04 14.86 -3.48
C GLY A 80 -0.60 15.79 -2.36
N GLY A 81 0.60 16.32 -2.48
CA GLY A 81 1.15 17.17 -1.43
C GLY A 81 2.57 16.83 -1.00
N TYR A 82 3.13 15.77 -1.57
CA TYR A 82 4.54 15.45 -1.42
C TYR A 82 5.18 15.63 -2.79
N ASP A 83 6.19 16.49 -2.90
CA ASP A 83 6.79 16.79 -4.19
C ASP A 83 7.51 15.60 -4.83
N ASN A 84 7.94 14.64 -4.02
CA ASN A 84 8.78 13.55 -4.52
C ASN A 84 8.13 12.16 -4.56
N ALA A 85 6.80 12.13 -4.45
CA ALA A 85 6.03 10.90 -4.69
C ALA A 85 5.39 11.04 -6.07
N PRO A 86 5.24 9.91 -6.80
CA PRO A 86 4.73 10.00 -8.17
C PRO A 86 3.22 10.07 -8.28
N GLY A 87 2.75 10.59 -9.41
CA GLY A 87 1.35 10.57 -9.77
C GLY A 87 1.08 9.65 -10.96
N VAL A 88 -0.20 9.44 -11.23
CA VAL A 88 -0.67 8.69 -12.39
C VAL A 88 -1.79 9.44 -13.11
N TRP A 89 -1.72 10.76 -13.14
CA TRP A 89 -2.73 11.56 -13.83
C TRP A 89 -2.26 12.17 -15.16
N SER A 90 -0.95 12.28 -15.35
CA SER A 90 -0.44 13.04 -16.52
C SER A 90 0.26 12.17 -17.55
N GLU A 91 0.31 12.63 -18.79
CA GLU A 91 1.01 11.90 -19.85
C GLU A 91 2.48 11.73 -19.50
N GLU A 92 3.07 12.78 -18.96
CA GLU A 92 4.47 12.82 -18.55
C GLU A 92 4.77 11.71 -17.54
N GLN A 93 3.86 11.52 -16.58
CA GLN A 93 4.01 10.47 -15.60
C GLN A 93 3.88 9.10 -16.25
N MET A 94 2.87 8.93 -17.10
CA MET A 94 2.60 7.62 -17.68
C MET A 94 3.70 7.14 -18.60
N VAL A 95 4.42 8.07 -19.23
CA VAL A 95 5.58 7.68 -20.03
C VAL A 95 6.59 6.88 -19.20
N GLU A 96 6.85 7.35 -17.99
CA GLU A 96 7.79 6.66 -17.12
C GLU A 96 7.17 5.37 -16.55
N TRP A 97 5.90 5.42 -16.19
CA TRP A 97 5.25 4.22 -15.66
C TRP A 97 5.24 3.09 -16.68
N THR A 98 5.01 3.44 -17.95
CA THR A 98 4.99 2.44 -19.01
C THR A 98 6.33 1.70 -19.08
N LYS A 99 7.43 2.44 -18.97
CA LYS A 99 8.75 1.82 -18.97
C LYS A 99 8.90 0.87 -17.78
N ILE A 100 8.35 1.27 -16.63
CA ILE A 100 8.45 0.46 -15.42
C ILE A 100 7.65 -0.82 -15.58
N PHE A 101 6.41 -0.71 -16.06
CA PHE A 101 5.56 -1.88 -16.23
C PHE A 101 6.16 -2.85 -17.26
N ASN A 102 6.68 -2.30 -18.35
CA ASN A 102 7.33 -3.12 -19.36
C ASN A 102 8.50 -3.91 -18.78
N ALA A 103 9.29 -3.27 -17.94
CA ALA A 103 10.47 -3.93 -17.38
C ALA A 103 10.06 -5.07 -16.44
N ILE A 104 9.02 -4.83 -15.66
CA ILE A 104 8.53 -5.85 -14.73
C ILE A 104 8.00 -7.05 -15.52
N HIS A 105 7.25 -6.79 -16.58
CA HIS A 105 6.70 -7.84 -17.41
C HIS A 105 7.79 -8.60 -18.18
N GLU A 106 8.87 -7.92 -18.57
CA GLU A 106 9.99 -8.60 -19.22
CA GLU A 106 9.97 -8.62 -19.23
C GLU A 106 10.60 -9.66 -18.30
N LYS A 107 10.54 -9.41 -16.99
CA LYS A 107 11.04 -10.34 -16.00
C LYS A 107 10.00 -11.39 -15.62
N LYS A 108 8.85 -11.36 -16.30
CA LYS A 108 7.77 -12.32 -16.10
C LYS A 108 7.10 -12.17 -14.75
N SER A 109 7.13 -10.95 -14.22
CA SER A 109 6.43 -10.63 -12.98
C SER A 109 5.25 -9.70 -13.26
N PHE A 110 4.57 -9.24 -12.22
CA PHE A 110 3.29 -8.55 -12.34
C PHE A 110 3.29 -7.27 -11.53
N VAL A 111 2.47 -6.31 -11.93
CA VAL A 111 2.49 -5.01 -11.29
C VAL A 111 1.10 -4.41 -11.13
N TRP A 112 0.81 -4.04 -9.89
CA TRP A 112 -0.46 -3.42 -9.51
C TRP A 112 -0.16 -2.03 -8.96
N VAL A 113 -0.84 -1.02 -9.48
CA VAL A 113 -0.59 0.35 -9.04
C VAL A 113 -1.42 0.68 -7.80
N GLN A 114 -0.76 1.07 -6.72
CA GLN A 114 -1.53 1.55 -5.58
C GLN A 114 -1.96 3.00 -5.82
N LEU A 115 -3.26 3.25 -5.71
CA LEU A 115 -3.83 4.59 -5.91
C LEU A 115 -3.94 5.29 -4.56
N ALA A 116 -3.28 6.44 -4.47
CA ALA A 116 -3.11 7.15 -3.21
C ALA A 116 -3.78 8.53 -3.19
N VAL A 117 -4.35 8.86 -2.03
CA VAL A 117 -4.92 10.18 -1.75
C VAL A 117 -4.59 10.51 -0.29
N LEU A 118 -3.85 11.60 -0.07
CA LEU A 118 -3.26 11.86 1.24
C LEU A 118 -4.20 12.35 2.33
N GLY A 119 -5.20 13.15 1.98
CA GLY A 119 -5.99 13.82 3.01
C GLY A 119 -5.07 14.56 3.98
N TRP A 120 -5.31 14.38 5.28
CA TRP A 120 -4.61 15.19 6.27
C TRP A 120 -3.12 14.90 6.42
N ALA A 121 -2.64 13.84 5.78
CA ALA A 121 -1.21 13.54 5.81
C ALA A 121 -0.39 14.43 4.85
N ALA A 122 -1.05 15.14 3.95
CA ALA A 122 -0.35 16.00 3.00
C ALA A 122 0.29 17.19 3.71
N PHE A 123 1.26 17.83 3.04
CA PHE A 123 1.85 19.07 3.54
C PHE A 123 1.03 20.26 3.04
N PRO A 124 0.36 20.98 3.96
CA PRO A 124 -0.51 22.10 3.60
C PRO A 124 0.21 23.22 2.85
N ASP A 125 1.50 23.39 3.09
CA ASP A 125 2.25 24.46 2.42
C ASP A 125 2.52 24.15 0.94
N ASN A 126 2.82 22.89 0.64
CA ASN A 126 2.96 22.48 -0.76
C ASN A 126 1.66 22.68 -1.52
N LEU A 127 0.56 22.30 -0.88
CA LEU A 127 -0.75 22.41 -1.49
C LEU A 127 -1.11 23.88 -1.72
N ALA A 128 -0.85 24.72 -0.72
CA ALA A 128 -1.13 26.16 -0.85
C ALA A 128 -0.33 26.77 -1.98
N ARG A 129 0.94 26.41 -2.07
CA ARG A 129 1.82 26.86 -3.15
C ARG A 129 1.19 26.57 -4.51
N ASP A 130 0.54 25.41 -4.62
CA ASP A 130 -0.04 24.96 -5.89
C ASP A 130 -1.52 25.32 -6.06
N GLY A 131 -2.05 26.09 -5.12
CA GLY A 131 -3.43 26.55 -5.19
C GLY A 131 -4.43 25.45 -4.86
N LEU A 132 -4.01 24.50 -4.04
CA LEU A 132 -4.85 23.34 -3.72
C LEU A 132 -5.31 23.35 -2.27
N ARG A 133 -6.43 22.69 -2.02
CA ARG A 133 -6.99 22.57 -0.66
C ARG A 133 -6.17 21.61 0.21
N TYR A 134 -6.35 21.74 1.52
CA TYR A 134 -5.84 20.74 2.48
C TYR A 134 -7.07 20.00 2.98
N ASP A 135 -7.21 18.74 2.55
CA ASP A 135 -8.46 17.98 2.66
C ASP A 135 -8.48 16.91 3.74
N SER A 136 -9.65 16.71 4.33
CA SER A 136 -9.90 15.53 5.15
C SER A 136 -11.40 15.26 5.24
N ALA A 137 -11.78 14.27 6.03
CA ALA A 137 -13.18 13.99 6.27
C ALA A 137 -13.85 15.14 7.04
N SER A 138 -13.12 15.67 8.03
CA SER A 138 -13.68 16.64 8.95
C SER A 138 -12.81 17.88 9.03
N ASP A 139 -13.26 18.89 9.75
CA ASP A 139 -12.47 20.12 9.89
C ASP A 139 -12.27 20.52 11.34
N ASN A 140 -12.60 19.62 12.26
CA ASN A 140 -12.53 19.97 13.68
C ASN A 140 -11.66 19.02 14.46
N VAL A 141 -11.03 18.09 13.73
CA VAL A 141 -10.05 17.20 14.31
C VAL A 141 -8.90 17.09 13.31
N PHE A 142 -7.68 17.05 13.84
CA PHE A 142 -6.48 17.16 13.01
C PHE A 142 -5.50 16.05 13.30
N MET A 143 -4.61 15.82 12.34
CA MET A 143 -3.66 14.73 12.45
C MET A 143 -2.76 14.95 13.67
N ASP A 144 -2.21 16.15 13.77
CA ASP A 144 -1.51 16.55 14.97
C ASP A 144 -1.50 18.08 15.03
N ALA A 145 -0.94 18.62 16.10
CA ALA A 145 -0.91 20.07 16.30
C ALA A 145 -0.07 20.73 15.22
N GLU A 146 1.00 20.06 14.81
CA GLU A 146 1.93 20.61 13.85
C GLU A 146 1.25 20.79 12.48
N GLN A 147 0.52 19.78 12.03
CA GLN A 147 -0.21 19.86 10.77
C GLN A 147 -1.29 20.94 10.82
N GLU A 148 -2.02 21.02 11.94
CA GLU A 148 -3.05 22.03 12.09
C GLU A 148 -2.46 23.43 11.98
N ALA A 149 -1.31 23.63 12.62
CA ALA A 149 -0.62 24.91 12.59
C ALA A 149 -0.11 25.24 11.19
N LYS A 150 0.57 24.28 10.57
CA LYS A 150 1.08 24.39 9.20
C LYS A 150 -0.02 24.88 8.26
N ALA A 151 -1.19 24.27 8.39
CA ALA A 151 -2.33 24.61 7.55
C ALA A 151 -2.76 26.06 7.78
N LYS A 152 -2.80 26.47 9.05
CA LYS A 152 -3.21 27.82 9.37
C LYS A 152 -2.21 28.87 8.88
N LYS A 153 -0.92 28.60 9.08
CA LYS A 153 0.11 29.52 8.61
CA LYS A 153 0.14 29.49 8.59
C LYS A 153 0.05 29.70 7.10
N ALA A 154 -0.32 28.65 6.39
CA ALA A 154 -0.36 28.66 4.94
C ALA A 154 -1.70 29.16 4.42
N ASN A 155 -2.55 29.63 5.32
CA ASN A 155 -3.89 30.05 4.95
C ASN A 155 -4.59 28.94 4.21
N ASN A 156 -4.32 27.72 4.63
CA ASN A 156 -4.88 26.55 3.99
C ASN A 156 -5.44 25.59 5.04
N PRO A 157 -6.45 26.06 5.79
CA PRO A 157 -7.05 25.32 6.90
C PRO A 157 -7.58 23.97 6.46
N GLN A 158 -7.50 22.97 7.33
CA GLN A 158 -8.06 21.67 6.99
C GLN A 158 -9.53 21.79 6.62
N HIS A 159 -9.87 21.22 5.48
CA HIS A 159 -11.17 21.40 4.87
C HIS A 159 -11.96 20.09 4.84
N SER A 160 -13.19 20.13 5.35
CA SER A 160 -14.08 18.98 5.31
C SER A 160 -14.72 18.87 3.93
N LEU A 161 -14.48 17.74 3.24
CA LEU A 161 -14.93 17.59 1.87
C LEU A 161 -16.44 17.71 1.72
N THR A 162 -16.88 18.45 0.69
CA THR A 162 -18.27 18.43 0.31
C THR A 162 -18.56 17.16 -0.47
N LYS A 163 -19.84 16.84 -0.63
CA LYS A 163 -20.24 15.69 -1.42
C LYS A 163 -19.74 15.81 -2.85
N ASP A 164 -19.80 17.01 -3.41
CA ASP A 164 -19.33 17.22 -4.78
CA ASP A 164 -19.33 17.25 -4.77
C ASP A 164 -17.83 16.96 -4.88
N GLU A 165 -17.08 17.39 -3.88
CA GLU A 165 -15.63 17.18 -3.87
C GLU A 165 -15.29 15.69 -3.72
N ILE A 166 -16.10 14.96 -2.99
CA ILE A 166 -15.94 13.51 -2.90
C ILE A 166 -16.16 12.87 -4.29
N LYS A 167 -17.21 13.31 -4.99
CA LYS A 167 -17.48 12.82 -6.34
C LYS A 167 -16.32 13.13 -7.29
N GLN A 168 -15.72 14.30 -7.13
CA GLN A 168 -14.57 14.68 -7.95
C GLN A 168 -13.39 13.73 -7.71
N TYR A 169 -13.12 13.41 -6.45
CA TYR A 169 -12.09 12.42 -6.13
C TYR A 169 -12.41 11.07 -6.80
N ILE A 170 -13.68 10.66 -6.74
CA ILE A 170 -14.06 9.40 -7.35
C ILE A 170 -13.79 9.43 -8.85
N LYS A 171 -14.12 10.55 -9.50
CA LYS A 171 -13.81 10.74 -10.91
C LYS A 171 -12.32 10.54 -11.17
N GLU A 172 -11.51 11.12 -10.30
CA GLU A 172 -10.05 11.02 -10.42
C GLU A 172 -9.53 9.61 -10.16
N TYR A 173 -10.14 8.89 -9.22
CA TYR A 173 -9.79 7.49 -9.00
C TYR A 173 -10.05 6.69 -10.27
N VAL A 174 -11.19 6.93 -10.89
CA VAL A 174 -11.58 6.21 -12.09
C VAL A 174 -10.59 6.50 -13.21
N GLN A 175 -10.26 7.77 -13.42
CA GLN A 175 -9.33 8.09 -14.49
C GLN A 175 -7.92 7.55 -14.22
N ALA A 176 -7.49 7.59 -12.97
CA ALA A 176 -6.18 7.05 -12.59
C ALA A 176 -6.10 5.54 -12.83
N ALA A 177 -7.17 4.82 -12.50
CA ALA A 177 -7.23 3.39 -12.74
C ALA A 177 -7.16 3.10 -14.23
N LYS A 178 -7.93 3.86 -15.01
CA LYS A 178 -7.89 3.72 -16.47
C LYS A 178 -6.49 3.99 -17.00
N ASN A 179 -5.87 5.08 -16.54
CA ASN A 179 -4.52 5.43 -16.96
C ASN A 179 -3.56 4.28 -16.69
N SER A 180 -3.67 3.68 -15.51
CA SER A 180 -2.79 2.63 -15.07
C SER A 180 -2.89 1.40 -15.97
N ILE A 181 -4.12 0.99 -16.24
CA ILE A 181 -4.37 -0.18 -17.08
C ILE A 181 -3.89 0.09 -18.52
N ALA A 182 -4.21 1.27 -19.04
CA ALA A 182 -3.82 1.61 -20.42
C ALA A 182 -2.30 1.62 -20.60
N ALA A 183 -1.59 2.00 -19.56
CA ALA A 183 -0.12 2.04 -19.58
C ALA A 183 0.53 0.67 -19.42
N GLY A 184 -0.28 -0.34 -19.09
CA GLY A 184 0.21 -1.70 -18.99
C GLY A 184 0.13 -2.38 -17.62
N ALA A 185 -0.37 -1.70 -16.60
CA ALA A 185 -0.47 -2.35 -15.30
C ALA A 185 -1.46 -3.52 -15.30
N ASP A 186 -1.20 -4.49 -14.43
CA ASP A 186 -2.07 -5.66 -14.29
C ASP A 186 -3.34 -5.39 -13.47
N GLY A 187 -3.32 -4.34 -12.66
CA GLY A 187 -4.45 -4.02 -11.83
C GLY A 187 -4.11 -2.82 -10.97
N VAL A 188 -5.02 -2.46 -10.07
CA VAL A 188 -4.78 -1.38 -9.11
C VAL A 188 -5.16 -1.83 -7.71
N GLU A 189 -4.50 -1.25 -6.71
CA GLU A 189 -4.90 -1.42 -5.32
C GLU A 189 -5.44 -0.10 -4.79
N ILE A 190 -6.67 -0.11 -4.31
CA ILE A 190 -7.22 1.06 -3.64
C ILE A 190 -6.66 1.14 -2.22
N HIS A 191 -5.89 2.18 -1.94
CA HIS A 191 -5.37 2.37 -0.60
C HIS A 191 -6.46 2.92 0.33
N SER A 192 -6.88 2.12 1.31
CA SER A 192 -7.84 2.60 2.28
C SER A 192 -7.30 2.35 3.69
N ALA A 193 -5.98 2.42 3.81
CA ALA A 193 -5.25 2.08 5.03
C ALA A 193 -4.31 3.19 5.47
N ASN A 194 -3.60 2.93 6.56
CA ASN A 194 -2.48 3.74 7.01
C ASN A 194 -2.78 5.21 7.29
N GLY A 195 -4.06 5.54 7.50
CA GLY A 195 -4.41 6.88 7.92
C GLY A 195 -4.48 7.92 6.83
N TYR A 196 -4.50 7.49 5.58
CA TYR A 196 -4.67 8.43 4.47
CA TYR A 196 -4.65 8.45 4.49
C TYR A 196 -6.15 8.73 4.25
N LEU A 197 -6.51 9.39 3.15
CA LEU A 197 -7.86 9.95 3.05
C LEU A 197 -9.01 8.98 3.29
N LEU A 198 -9.01 7.86 2.58
CA LEU A 198 -10.10 6.89 2.75
C LEU A 198 -10.14 6.37 4.18
N ASN A 199 -8.97 6.10 4.77
CA ASN A 199 -8.92 5.69 6.17
CA ASN A 199 -8.93 5.69 6.17
C ASN A 199 -9.48 6.79 7.09
N GLN A 200 -9.21 8.04 6.75
CA GLN A 200 -9.74 9.17 7.54
C GLN A 200 -11.26 9.18 7.56
N PHE A 201 -11.89 8.70 6.49
CA PHE A 201 -13.34 8.52 6.48
C PHE A 201 -13.79 7.29 7.28
N LEU A 202 -13.05 6.18 7.20
CA LEU A 202 -13.44 4.96 7.92
C LEU A 202 -13.39 5.11 9.43
N ASP A 203 -12.48 5.95 9.92
CA ASP A 203 -12.17 5.99 11.35
C ASP A 203 -12.99 7.04 12.08
N PRO A 204 -13.68 6.66 13.17
CA PRO A 204 -14.51 7.63 13.89
C PRO A 204 -13.74 8.75 14.59
N HIS A 205 -12.44 8.58 14.82
CA HIS A 205 -11.66 9.68 15.38
C HIS A 205 -11.55 10.82 14.37
N SER A 206 -11.22 10.45 13.14
CA SER A 206 -10.98 11.44 12.10
C SER A 206 -12.24 11.86 11.37
N ASN A 207 -13.30 11.07 11.52
CA ASN A 207 -14.55 11.35 10.83
C ASN A 207 -15.64 11.70 11.82
N THR A 208 -15.91 13.00 11.94
CA THR A 208 -16.94 13.52 12.83
C THR A 208 -18.10 14.09 12.03
N ARG A 209 -18.19 13.68 10.78
CA ARG A 209 -19.24 14.19 9.90
C ARG A 209 -20.61 13.74 10.37
N THR A 210 -21.62 14.51 9.99
CA THR A 210 -22.99 14.19 10.37
C THR A 210 -23.87 13.97 9.14
N ASP A 211 -23.26 14.04 7.96
CA ASP A 211 -23.98 13.72 6.73
C ASP A 211 -23.89 12.22 6.42
N GLU A 212 -24.21 11.83 5.20
CA GLU A 212 -24.25 10.42 4.85
C GLU A 212 -22.86 9.76 4.81
N TYR A 213 -21.81 10.56 4.94
CA TYR A 213 -20.46 10.01 4.91
C TYR A 213 -19.83 9.85 6.29
N GLY A 214 -20.62 10.06 7.35
CA GLY A 214 -20.12 9.81 8.69
C GLY A 214 -21.22 9.52 9.68
N GLY A 215 -20.83 9.18 10.91
CA GLY A 215 -21.80 9.05 12.00
C GLY A 215 -22.33 7.65 12.21
N SER A 216 -21.90 6.69 11.40
CA SER A 216 -22.28 5.30 11.55
C SER A 216 -21.28 4.44 10.79
N ILE A 217 -21.32 3.14 11.03
CA ILE A 217 -20.43 2.21 10.35
C ILE A 217 -20.65 2.26 8.85
N GLU A 218 -21.89 2.18 8.42
CA GLU A 218 -22.23 2.19 7.00
CA GLU A 218 -22.17 2.16 6.99
C GLU A 218 -21.82 3.50 6.34
N ASN A 219 -22.05 4.60 7.05
CA ASN A 219 -21.72 5.92 6.51
C ASN A 219 -20.22 6.13 6.38
N ARG A 220 -19.46 5.71 7.40
CA ARG A 220 -18.00 5.86 7.36
C ARG A 220 -17.38 5.03 6.25
N ALA A 221 -18.02 3.91 5.91
CA ALA A 221 -17.50 3.05 4.85
C ALA A 221 -17.93 3.49 3.46
N ARG A 222 -18.81 4.49 3.38
CA ARG A 222 -19.45 4.83 2.11
C ARG A 222 -18.46 5.23 1.02
N PHE A 223 -17.54 6.13 1.34
CA PHE A 223 -16.56 6.64 0.38
C PHE A 223 -15.69 5.49 -0.16
N THR A 224 -15.11 4.69 0.74
CA THR A 224 -14.32 3.54 0.32
C THR A 224 -15.08 2.62 -0.64
N LEU A 225 -16.32 2.29 -0.29
CA LEU A 225 -17.11 1.40 -1.13
C LEU A 225 -17.54 2.04 -2.45
N GLU A 226 -17.72 3.36 -2.46
CA GLU A 226 -18.02 4.07 -3.70
C GLU A 226 -16.82 4.00 -4.64
N VAL A 227 -15.62 4.09 -4.09
CA VAL A 227 -14.42 3.96 -4.92
C VAL A 227 -14.29 2.53 -5.44
N VAL A 228 -14.49 1.55 -4.57
CA VAL A 228 -14.47 0.16 -5.00
C VAL A 228 -15.44 -0.03 -6.17
N ASP A 229 -16.68 0.42 -6.00
CA ASP A 229 -17.69 0.17 -7.03
C ASP A 229 -17.37 0.91 -8.34
N ALA A 230 -16.85 2.13 -8.22
CA ALA A 230 -16.52 2.91 -9.41
C ALA A 230 -15.39 2.25 -10.20
N LEU A 231 -14.41 1.70 -9.50
CA LEU A 231 -13.29 1.07 -10.18
C LEU A 231 -13.66 -0.30 -10.75
N VAL A 232 -14.49 -1.05 -10.03
CA VAL A 232 -14.95 -2.33 -10.53
C VAL A 232 -15.71 -2.11 -11.84
N GLU A 233 -16.54 -1.08 -11.89
CA GLU A 233 -17.27 -0.74 -13.11
CA GLU A 233 -17.27 -0.74 -13.11
C GLU A 233 -16.32 -0.31 -14.22
N ALA A 234 -15.31 0.48 -13.87
CA ALA A 234 -14.40 1.04 -14.87
C ALA A 234 -13.48 0.00 -15.51
N ILE A 235 -12.84 -0.83 -14.69
CA ILE A 235 -11.79 -1.71 -15.21
C ILE A 235 -11.97 -3.18 -14.83
N GLY A 236 -13.02 -3.47 -14.07
CA GLY A 236 -13.34 -4.86 -13.71
C GLY A 236 -12.85 -5.29 -12.34
N HIS A 237 -13.64 -6.12 -11.66
CA HIS A 237 -13.27 -6.60 -10.32
C HIS A 237 -11.96 -7.38 -10.30
N GLU A 238 -11.64 -8.07 -11.40
CA GLU A 238 -10.43 -8.87 -11.45
C GLU A 238 -9.15 -8.01 -11.49
N LYS A 239 -9.32 -6.71 -11.68
CA LYS A 239 -8.20 -5.76 -11.75
CA LYS A 239 -8.18 -5.79 -11.73
C LYS A 239 -8.15 -4.83 -10.54
N VAL A 240 -8.90 -5.15 -9.48
CA VAL A 240 -9.02 -4.25 -8.34
C VAL A 240 -8.84 -5.00 -7.01
N GLY A 241 -7.96 -4.49 -6.16
CA GLY A 241 -7.81 -4.96 -4.79
C GLY A 241 -8.02 -3.80 -3.82
N LEU A 242 -8.15 -4.12 -2.53
CA LEU A 242 -8.37 -3.11 -1.50
C LEU A 242 -7.43 -3.34 -0.32
N ARG A 243 -6.77 -2.27 0.14
CA ARG A 243 -5.88 -2.36 1.31
C ARG A 243 -6.47 -1.68 2.55
N LEU A 244 -6.41 -2.41 3.67
CA LEU A 244 -6.95 -1.98 4.96
C LEU A 244 -5.95 -2.26 6.08
N SER A 245 -5.99 -1.45 7.14
CA SER A 245 -5.14 -1.65 8.31
C SER A 245 -5.97 -1.45 9.58
N PRO A 246 -6.78 -2.46 9.94
CA PRO A 246 -7.76 -2.27 11.01
C PRO A 246 -7.15 -1.75 12.31
N TYR A 247 -5.95 -2.20 12.65
CA TYR A 247 -5.35 -1.88 13.94
C TYR A 247 -4.28 -0.80 13.83
N GLY A 248 -4.14 -0.20 12.66
CA GLY A 248 -3.14 0.84 12.48
C GLY A 248 -3.38 2.09 13.32
N VAL A 249 -2.30 2.68 13.82
CA VAL A 249 -2.40 3.98 14.49
C VAL A 249 -1.61 5.09 13.76
N PHE A 250 -0.80 4.69 12.79
CA PHE A 250 -0.06 5.63 11.95
C PHE A 250 -1.00 6.68 11.35
N ASN A 251 -0.55 7.93 11.39
CA ASN A 251 -1.35 9.07 10.89
C ASN A 251 -2.60 9.34 11.72
N SER A 252 -2.52 8.99 13.01
CA SER A 252 -3.54 9.30 14.01
C SER A 252 -4.86 8.57 13.79
N MET A 253 -4.77 7.33 13.34
CA MET A 253 -5.95 6.47 13.33
C MET A 253 -6.12 5.81 14.72
N SER A 254 -7.31 5.27 14.95
CA SER A 254 -7.70 4.84 16.29
C SER A 254 -7.07 3.53 16.77
N GLY A 255 -6.98 2.55 15.88
CA GLY A 255 -6.53 1.22 16.24
C GLY A 255 -7.46 0.57 17.26
N GLY A 256 -6.91 -0.39 17.99
CA GLY A 256 -7.69 -1.21 18.92
C GLY A 256 -8.34 -0.46 20.07
N ALA A 257 -7.81 0.72 20.40
CA ALA A 257 -8.40 1.56 21.46
C ALA A 257 -9.87 1.91 21.15
N GLU A 258 -10.23 1.92 19.87
CA GLU A 258 -11.60 2.15 19.45
C GLU A 258 -12.33 0.81 19.49
N THR A 259 -13.26 0.66 20.42
CA THR A 259 -13.95 -0.62 20.60
C THR A 259 -14.78 -1.02 19.39
N GLY A 260 -15.14 -0.04 18.56
CA GLY A 260 -15.92 -0.30 17.37
C GLY A 260 -15.08 -0.62 16.13
N ILE A 261 -13.77 -0.74 16.29
CA ILE A 261 -12.90 -0.81 15.12
C ILE A 261 -13.09 -2.13 14.36
N VAL A 262 -13.19 -3.25 15.06
CA VAL A 262 -13.38 -4.50 14.34
C VAL A 262 -14.72 -4.50 13.60
N ALA A 263 -15.77 -3.97 14.21
CA ALA A 263 -17.06 -3.89 13.52
C ALA A 263 -16.96 -3.07 12.23
N GLN A 264 -16.22 -1.97 12.28
CA GLN A 264 -16.08 -1.09 11.12
C GLN A 264 -15.47 -1.83 9.94
N TYR A 265 -14.42 -2.60 10.22
CA TYR A 265 -13.72 -3.34 9.18
C TYR A 265 -14.45 -4.61 8.77
N ALA A 266 -15.12 -5.26 9.74
CA ALA A 266 -15.97 -6.40 9.43
C ALA A 266 -17.08 -6.02 8.46
N TYR A 267 -17.61 -4.82 8.62
CA TYR A 267 -18.65 -4.34 7.72
C TYR A 267 -18.12 -4.22 6.30
N VAL A 268 -16.93 -3.62 6.15
CA VAL A 268 -16.32 -3.48 4.84
C VAL A 268 -16.07 -4.86 4.20
N ALA A 269 -15.50 -5.80 4.96
CA ALA A 269 -15.27 -7.14 4.45
C ALA A 269 -16.59 -7.78 4.01
N GLY A 270 -17.64 -7.57 4.80
CA GLY A 270 -18.93 -8.15 4.50
C GLY A 270 -19.49 -7.62 3.19
N GLU A 271 -19.36 -6.32 3.00
CA GLU A 271 -19.81 -5.68 1.76
C GLU A 271 -19.03 -6.16 0.54
N LEU A 272 -17.74 -6.40 0.72
CA LEU A 272 -16.94 -6.99 -0.35
C LEU A 272 -17.40 -8.41 -0.68
N GLU A 273 -17.68 -9.22 0.34
CA GLU A 273 -18.12 -10.60 0.08
C GLU A 273 -19.51 -10.61 -0.57
N LYS A 274 -20.37 -9.67 -0.16
CA LYS A 274 -21.68 -9.52 -0.78
C LYS A 274 -21.55 -9.31 -2.29
N ARG A 275 -20.65 -8.40 -2.66
CA ARG A 275 -20.38 -8.12 -4.07
C ARG A 275 -19.81 -9.34 -4.78
N ALA A 276 -18.94 -10.07 -4.09
CA ALA A 276 -18.32 -11.26 -4.63
C ALA A 276 -19.37 -12.32 -4.94
N LYS A 277 -20.28 -12.53 -3.99
CA LYS A 277 -21.33 -13.52 -4.16
C LYS A 277 -22.29 -13.10 -5.28
N ALA A 278 -22.41 -11.79 -5.52
CA ALA A 278 -23.23 -11.28 -6.61
C ALA A 278 -22.46 -11.20 -7.94
N GLY A 279 -21.26 -11.77 -7.98
CA GLY A 279 -20.54 -11.94 -9.23
C GLY A 279 -19.38 -11.00 -9.49
N LYS A 280 -19.06 -10.15 -8.52
CA LYS A 280 -17.97 -9.19 -8.69
C LYS A 280 -17.00 -9.27 -7.51
N ARG A 281 -16.20 -10.33 -7.49
CA ARG A 281 -15.23 -10.53 -6.41
C ARG A 281 -13.93 -9.78 -6.70
N LEU A 282 -13.51 -8.93 -5.77
CA LEU A 282 -12.23 -8.26 -5.92
C LEU A 282 -11.09 -9.28 -6.01
N ALA A 283 -10.02 -8.91 -6.69
CA ALA A 283 -8.87 -9.79 -6.83
C ALA A 283 -8.26 -10.20 -5.49
N PHE A 284 -8.27 -9.28 -4.52
CA PHE A 284 -7.71 -9.56 -3.21
C PHE A 284 -8.09 -8.49 -2.20
N VAL A 285 -7.96 -8.85 -0.93
CA VAL A 285 -7.95 -7.89 0.17
C VAL A 285 -6.56 -7.95 0.77
N HIS A 286 -5.95 -6.78 1.00
CA HIS A 286 -4.60 -6.69 1.54
C HIS A 286 -4.73 -6.06 2.92
N LEU A 287 -4.20 -6.77 3.91
CA LEU A 287 -4.30 -6.31 5.30
C LEU A 287 -2.93 -6.03 5.89
N VAL A 288 -2.81 -4.89 6.58
CA VAL A 288 -1.65 -4.67 7.44
C VAL A 288 -1.97 -5.32 8.78
N GLU A 289 -1.03 -6.08 9.31
CA GLU A 289 -1.24 -6.83 10.55
C GLU A 289 -1.07 -5.94 11.78
N PRO A 290 -1.73 -6.32 12.89
CA PRO A 290 -1.47 -5.62 14.16
C PRO A 290 -0.02 -5.80 14.65
N ARG A 291 0.73 -6.68 13.97
CA ARG A 291 2.17 -6.84 14.20
C ARG A 291 2.91 -5.51 13.99
N VAL A 292 2.36 -4.66 13.12
CA VAL A 292 2.99 -3.37 12.81
C VAL A 292 1.90 -2.31 12.74
N THR A 293 1.72 -1.56 13.83
CA THR A 293 0.70 -0.51 13.85
C THR A 293 1.23 0.81 13.29
N ASN A 294 2.56 0.89 13.16
CA ASN A 294 3.24 2.03 12.59
C ASN A 294 4.53 1.53 11.92
N PRO A 295 4.62 1.67 10.59
CA PRO A 295 5.71 1.05 9.83
C PRO A 295 7.05 1.79 9.94
N PHE A 296 7.05 2.91 10.68
CA PHE A 296 8.28 3.63 10.95
C PHE A 296 8.85 3.38 12.35
N LEU A 297 8.29 2.38 13.02
CA LEU A 297 8.90 1.84 14.24
C LEU A 297 9.61 0.55 13.88
N THR A 298 10.78 0.34 14.49
CA THR A 298 11.56 -0.88 14.30
C THR A 298 10.73 -2.12 14.56
N GLU A 299 10.99 -3.18 13.79
CA GLU A 299 10.27 -4.45 13.94
C GLU A 299 10.23 -4.87 15.40
N GLY A 300 9.03 -5.20 15.87
CA GLY A 300 8.85 -5.60 17.27
C GLY A 300 8.23 -4.49 18.11
N GLU A 301 8.38 -3.24 17.66
CA GLU A 301 7.80 -2.09 18.35
C GLU A 301 6.42 -1.78 17.78
N GLY A 302 5.55 -1.18 18.60
CA GLY A 302 4.22 -0.83 18.14
C GLY A 302 3.41 -2.05 17.76
N GLU A 303 3.71 -3.20 18.35
CA GLU A 303 2.89 -4.38 18.13
CA GLU A 303 2.91 -4.41 18.17
C GLU A 303 1.67 -4.32 19.03
N TYR A 304 0.50 -4.53 18.44
CA TYR A 304 -0.74 -4.57 19.22
C TYR A 304 -1.11 -6.03 19.42
N GLU A 305 -1.17 -6.46 20.68
CA GLU A 305 -1.46 -7.87 20.95
C GLU A 305 -2.93 -8.11 21.27
N GLY A 306 -3.73 -7.05 21.33
CA GLY A 306 -5.12 -7.19 21.73
C GLY A 306 -6.11 -7.42 20.61
N GLY A 307 -5.59 -7.65 19.40
CA GLY A 307 -6.44 -7.89 18.25
C GLY A 307 -5.77 -8.75 17.20
N SER A 308 -6.62 -9.41 16.41
CA SER A 308 -6.19 -10.25 15.30
C SER A 308 -6.97 -9.87 14.06
N ASN A 309 -6.36 -10.01 12.89
CA ASN A 309 -7.08 -9.85 11.63
C ASN A 309 -7.82 -11.12 11.20
N ASP A 310 -7.75 -12.18 12.00
CA ASP A 310 -8.34 -13.45 11.60
C ASP A 310 -9.84 -13.33 11.31
N PHE A 311 -10.51 -12.37 11.96
CA PHE A 311 -11.94 -12.14 11.71
C PHE A 311 -12.25 -11.97 10.23
N VAL A 312 -11.32 -11.38 9.48
CA VAL A 312 -11.61 -11.11 8.08
C VAL A 312 -11.89 -12.41 7.31
N TYR A 313 -11.19 -13.47 7.71
CA TYR A 313 -11.33 -14.76 7.02
C TYR A 313 -12.70 -15.41 7.22
N SER A 314 -13.40 -15.04 8.30
CA SER A 314 -14.75 -15.54 8.53
C SER A 314 -15.76 -14.86 7.60
N ILE A 315 -15.34 -13.76 6.99
CA ILE A 315 -16.25 -12.92 6.23
C ILE A 315 -15.90 -12.91 4.73
N TRP A 316 -14.71 -12.42 4.40
CA TRP A 316 -14.24 -12.41 3.02
C TRP A 316 -13.62 -13.75 2.68
N LYS A 317 -14.02 -14.30 1.53
CA LYS A 317 -13.64 -15.66 1.18
C LYS A 317 -12.64 -15.72 0.03
N GLY A 318 -12.10 -14.57 -0.37
CA GLY A 318 -11.12 -14.52 -1.44
C GLY A 318 -9.69 -14.47 -0.95
N PRO A 319 -8.74 -14.19 -1.86
CA PRO A 319 -7.34 -14.12 -1.41
C PRO A 319 -7.12 -12.99 -0.42
N VAL A 320 -6.24 -13.25 0.54
CA VAL A 320 -5.82 -12.26 1.52
C VAL A 320 -4.30 -12.15 1.54
N ILE A 321 -3.80 -10.93 1.31
CA ILE A 321 -2.38 -10.64 1.50
C ILE A 321 -2.22 -10.03 2.88
N ARG A 322 -1.29 -10.58 3.68
CA ARG A 322 -1.02 -10.03 5.00
CA ARG A 322 -1.01 -10.08 5.02
C ARG A 322 0.40 -9.50 5.06
N ALA A 323 0.55 -8.31 5.62
CA ALA A 323 1.87 -7.69 5.73
C ALA A 323 2.16 -7.22 7.13
N GLY A 324 3.41 -7.38 7.58
CA GLY A 324 3.83 -6.77 8.82
C GLY A 324 4.79 -7.63 9.63
N ASN A 325 6.06 -7.27 9.58
CA ASN A 325 7.11 -7.95 10.33
C ASN A 325 7.17 -9.46 10.07
N PHE A 326 7.06 -9.86 8.82
CA PHE A 326 7.13 -11.29 8.51
C PHE A 326 8.52 -11.80 8.08
N ALA A 327 9.37 -10.89 7.60
CA ALA A 327 10.69 -11.28 7.11
C ALA A 327 11.55 -11.89 8.21
N LEU A 328 11.47 -11.31 9.40
CA LEU A 328 12.28 -11.76 10.53
C LEU A 328 11.58 -12.89 11.29
N HIS A 329 10.43 -13.32 10.79
CA HIS A 329 9.63 -14.33 11.49
C HIS A 329 9.09 -15.43 10.59
N PRO A 330 10.00 -16.20 9.98
CA PRO A 330 9.60 -17.32 9.13
C PRO A 330 8.74 -18.32 9.90
N GLU A 331 8.94 -18.43 11.21
CA GLU A 331 8.14 -19.35 12.01
C GLU A 331 6.66 -18.94 12.00
N VAL A 332 6.39 -17.63 11.93
CA VAL A 332 5.01 -17.16 11.85
C VAL A 332 4.46 -17.38 10.45
N VAL A 333 5.26 -17.06 9.44
CA VAL A 333 4.84 -17.26 8.06
C VAL A 333 4.51 -18.73 7.77
N ARG A 334 5.34 -19.64 8.29
CA ARG A 334 5.11 -21.08 8.12
C ARG A 334 3.71 -21.48 8.59
N GLU A 335 3.25 -20.89 9.67
CA GLU A 335 1.91 -21.17 10.14
C GLU A 335 0.83 -20.48 9.34
N GLU A 336 1.04 -19.21 8.99
CA GLU A 336 0.00 -18.46 8.28
CA GLU A 336 0.03 -18.44 8.27
C GLU A 336 -0.29 -18.99 6.88
N VAL A 337 0.75 -19.43 6.17
CA VAL A 337 0.53 -19.91 4.80
C VAL A 337 -0.09 -21.29 4.72
N LYS A 338 -0.27 -21.94 5.86
CA LYS A 338 -1.05 -23.18 5.87
C LYS A 338 -2.47 -22.90 5.38
N ASP A 339 -2.95 -21.68 5.57
CA ASP A 339 -4.17 -21.27 4.94
C ASP A 339 -3.93 -21.06 3.44
N LYS A 340 -4.74 -21.72 2.62
CA LYS A 340 -4.44 -21.83 1.20
C LYS A 340 -4.80 -20.61 0.36
N ARG A 341 -5.39 -19.58 0.96
CA ARG A 341 -5.62 -18.34 0.23
C ARG A 341 -4.89 -17.14 0.83
N THR A 342 -3.83 -17.44 1.58
CA THR A 342 -3.01 -16.41 2.24
C THR A 342 -1.68 -16.15 1.53
N LEU A 343 -1.42 -14.88 1.22
CA LEU A 343 -0.14 -14.44 0.66
C LEU A 343 0.52 -13.53 1.68
N ILE A 344 1.83 -13.38 1.58
CA ILE A 344 2.58 -12.60 2.57
C ILE A 344 3.30 -11.44 1.88
N GLY A 345 2.99 -10.23 2.34
CA GLY A 345 3.73 -9.05 1.87
C GLY A 345 4.94 -8.79 2.73
N TYR A 346 6.07 -8.56 2.08
CA TYR A 346 7.31 -8.25 2.76
C TYR A 346 7.76 -6.86 2.31
N GLY A 347 7.70 -5.89 3.23
CA GLY A 347 7.97 -4.51 2.88
C GLY A 347 9.41 -4.09 3.06
N ARG A 348 9.78 -3.74 4.29
CA ARG A 348 11.13 -3.22 4.53
C ARG A 348 12.25 -4.11 4.03
N PHE A 349 12.09 -5.43 4.15
CA PHE A 349 13.15 -6.30 3.68
C PHE A 349 13.19 -6.53 2.16
N PHE A 350 12.12 -6.16 1.46
CA PHE A 350 12.19 -6.09 0.01
C PHE A 350 12.90 -4.80 -0.44
N ILE A 351 12.85 -3.76 0.39
CA ILE A 351 13.68 -2.59 0.12
C ILE A 351 15.14 -3.02 0.08
N SER A 352 15.58 -3.78 1.07
CA SER A 352 17.01 -4.09 1.21
C SER A 352 17.46 -5.39 0.52
N ASN A 353 16.52 -6.22 0.08
CA ASN A 353 16.86 -7.49 -0.59
C ASN A 353 16.15 -7.65 -1.92
N PRO A 354 16.81 -7.26 -3.02
CA PRO A 354 16.11 -7.36 -4.30
C PRO A 354 15.76 -8.81 -4.65
N ASP A 355 16.57 -9.75 -4.17
CA ASP A 355 16.34 -11.17 -4.38
C ASP A 355 15.75 -11.82 -3.13
N LEU A 356 14.83 -11.11 -2.48
CA LEU A 356 14.25 -11.62 -1.24
C LEU A 356 13.60 -12.98 -1.44
N VAL A 357 12.96 -13.19 -2.57
CA VAL A 357 12.21 -14.44 -2.77
C VAL A 357 13.15 -15.65 -2.73
N ASP A 358 14.28 -15.56 -3.44
CA ASP A 358 15.30 -16.62 -3.38
C ASP A 358 15.73 -16.86 -1.94
N ARG A 359 15.94 -15.78 -1.19
CA ARG A 359 16.40 -15.89 0.19
C ARG A 359 15.37 -16.55 1.09
N LEU A 360 14.08 -16.31 0.83
CA LEU A 360 13.02 -16.93 1.60
C LEU A 360 12.92 -18.42 1.27
N GLU A 361 13.00 -18.76 -0.01
CA GLU A 361 12.92 -20.16 -0.45
C GLU A 361 14.04 -20.97 0.18
N LYS A 362 15.24 -20.42 0.17
CA LYS A 362 16.46 -21.17 0.46
C LYS A 362 16.99 -20.96 1.89
N GLY A 363 16.32 -20.10 2.67
CA GLY A 363 16.76 -19.84 4.02
C GLY A 363 18.10 -19.12 4.13
N LEU A 364 18.26 -18.07 3.36
CA LEU A 364 19.52 -17.32 3.32
C LEU A 364 19.48 -16.12 4.26
N PRO A 365 20.66 -15.61 4.64
CA PRO A 365 20.73 -14.38 5.44
C PRO A 365 20.08 -13.22 4.71
N LEU A 366 19.60 -12.24 5.45
CA LEU A 366 18.96 -11.06 4.85
C LEU A 366 19.85 -9.84 4.98
N ASN A 367 19.91 -9.02 3.92
CA ASN A 367 20.56 -7.72 4.05
C ASN A 367 19.81 -6.84 5.04
N LYS A 368 20.56 -6.21 5.95
CA LYS A 368 20.00 -5.18 6.80
CA LYS A 368 20.02 -5.17 6.80
C LYS A 368 19.52 -4.03 5.92
N TYR A 369 18.45 -3.35 6.34
CA TYR A 369 17.99 -2.17 5.61
C TYR A 369 18.57 -0.93 6.28
N ASP A 370 18.61 0.16 5.52
CA ASP A 370 19.06 1.45 6.01
C ASP A 370 17.87 2.41 5.99
N ARG A 371 17.26 2.63 7.15
CA ARG A 371 16.05 3.44 7.19
CA ARG A 371 16.07 3.48 7.26
C ARG A 371 16.31 4.88 6.73
N ASP A 372 17.55 5.34 6.88
CA ASP A 372 17.88 6.71 6.52
C ASP A 372 17.63 6.98 5.05
N THR A 373 17.71 5.95 4.22
CA THR A 373 17.51 6.11 2.78
C THR A 373 16.18 5.56 2.28
N PHE A 374 15.27 5.24 3.19
CA PHE A 374 13.90 4.88 2.79
C PHE A 374 13.30 5.99 1.92
N TYR A 375 13.38 7.21 2.42
CA TYR A 375 13.02 8.40 1.66
C TYR A 375 14.30 9.18 1.45
N GLN A 376 14.75 9.29 0.22
CA GLN A 376 15.96 10.04 -0.08
C GLN A 376 15.99 10.20 -1.59
N MET A 377 16.55 11.31 -2.08
CA MET A 377 16.70 11.47 -3.52
C MET A 377 18.03 10.88 -3.94
N SER A 378 18.11 9.56 -3.94
CA SER A 378 19.39 8.91 -4.21
C SER A 378 19.21 7.50 -4.76
N ALA A 379 20.17 7.09 -5.58
CA ALA A 379 20.30 5.70 -5.99
C ALA A 379 20.79 4.88 -4.81
N HIS A 380 21.65 5.50 -3.99
CA HIS A 380 22.10 4.86 -2.76
C HIS A 380 20.92 4.52 -1.86
N GLY A 381 20.89 3.28 -1.37
CA GLY A 381 19.78 2.82 -0.55
C GLY A 381 18.51 2.58 -1.34
N TYR A 382 18.63 2.53 -2.66
CA TYR A 382 17.49 2.32 -3.55
C TYR A 382 17.82 1.19 -4.53
N ILE A 383 18.88 1.37 -5.32
CA ILE A 383 19.25 0.37 -6.32
C ILE A 383 20.61 -0.27 -6.09
N ASP A 384 21.24 -0.01 -4.94
CA ASP A 384 22.56 -0.57 -4.70
C ASP A 384 22.62 -1.55 -3.54
N TYR A 385 21.46 -2.05 -3.11
CA TYR A 385 21.46 -3.21 -2.22
C TYR A 385 21.80 -4.44 -3.06
N PRO A 386 22.74 -5.27 -2.58
CA PRO A 386 23.19 -6.43 -3.35
C PRO A 386 22.27 -7.65 -3.28
N THR A 387 22.30 -8.47 -4.32
CA THR A 387 21.74 -9.81 -4.24
C THR A 387 22.64 -10.61 -3.31
N TYR A 388 22.20 -11.81 -2.96
CA TYR A 388 22.99 -12.66 -2.07
C TYR A 388 24.37 -12.98 -2.68
N GLU A 389 24.40 -13.24 -3.99
CA GLU A 389 25.66 -13.51 -4.69
C GLU A 389 26.60 -12.31 -4.56
N GLU A 390 26.07 -11.12 -4.84
CA GLU A 390 26.86 -9.90 -4.77
C GLU A 390 27.35 -9.64 -3.35
N ALA A 391 26.51 -9.92 -2.37
CA ALA A 391 26.86 -9.71 -0.97
C ALA A 391 28.01 -10.62 -0.56
N LEU A 392 27.97 -11.88 -0.99
CA LEU A 392 29.07 -12.80 -0.71
C LEU A 392 30.37 -12.28 -1.31
N LYS A 393 30.30 -11.79 -2.54
CA LYS A 393 31.49 -11.26 -3.22
C LYS A 393 32.05 -10.03 -2.50
N LEU A 394 31.17 -9.26 -1.88
CA LEU A 394 31.59 -8.10 -1.08
C LEU A 394 32.09 -8.51 0.30
N GLY A 395 31.98 -9.80 0.61
CA GLY A 395 32.48 -10.33 1.86
C GLY A 395 31.55 -10.19 3.04
N TRP A 396 30.25 -9.99 2.77
CA TRP A 396 29.28 -9.75 3.85
C TRP A 396 29.11 -10.92 4.80
N ASP A 397 29.50 -12.11 4.35
CA ASP A 397 29.41 -13.29 5.20
C ASP A 397 30.45 -13.24 6.32
N1 FMN B . 1.98 1.17 2.61
C2 FMN B . 1.08 1.56 1.65
O2 FMN B . -0.05 1.10 1.64
N3 FMN B . 1.45 2.48 0.68
C4 FMN B . 2.73 3.00 0.67
O4 FMN B . 3.05 3.80 -0.22
C4A FMN B . 3.63 2.62 1.65
N5 FMN B . 4.92 3.12 1.69
C5A FMN B . 5.82 2.70 2.66
C6 FMN B . 7.11 3.20 2.70
C7 FMN B . 8.00 2.80 3.67
C7M FMN B . 9.42 3.35 3.67
C8 FMN B . 7.62 1.87 4.63
C8M FMN B . 8.60 1.43 5.68
C9 FMN B . 6.31 1.36 4.59
C9A FMN B . 5.41 1.78 3.62
N10 FMN B . 4.13 1.27 3.59
C10 FMN B . 3.24 1.68 2.61
C1' FMN B . 3.69 0.23 4.59
C2' FMN B . 4.17 -1.16 4.04
O2' FMN B . 3.50 -1.53 2.84
C3' FMN B . 4.04 -2.32 5.03
O3' FMN B . 2.67 -2.51 5.35
C4' FMN B . 4.84 -2.10 6.32
O4' FMN B . 6.14 -1.62 6.03
C5' FMN B . 4.89 -3.37 7.18
O5' FMN B . 5.48 -4.46 6.49
P FMN B . 7.01 -4.84 6.78
O1P FMN B . 7.24 -6.10 5.98
O2P FMN B . 7.87 -3.68 6.29
O3P FMN B . 7.18 -5.09 8.26
MG MG C . 4.19 -12.94 -5.53
NA NA D . 9.46 12.02 6.14
CAM 4D3 E . 1.95 8.63 -2.71
OAK 4D3 E . 1.70 7.72 -1.65
CAJ 4D3 E . 2.41 8.02 -0.53
OAL 4D3 E . 3.07 9.05 -0.37
CAI 4D3 E . 2.29 6.94 0.53
CAH 4D3 E . 3.02 7.00 1.86
CAN 4D3 E . 3.85 8.13 2.19
NAO 4D3 E . 4.50 9.01 2.48
CAE 4D3 E . 2.84 5.98 2.79
CAD 4D3 E . 3.83 5.73 3.73
CAC 4D3 E . 3.64 4.74 4.67
CAB 4D3 E . 2.48 3.99 4.67
FAG 4D3 E . 2.31 3.01 5.59
CAA 4D3 E . 1.48 4.24 3.73
CAF 4D3 E . 1.66 5.24 2.80
HAM 4D3 E . 1.67 9.64 -2.40
HAO 4D3 E . 3.01 8.62 -2.97
HAN 4D3 E . 1.36 8.34 -3.59
HAI 4D3 E . 1.67 6.07 0.32
HAD 4D3 E . 4.74 6.33 3.73
HAC 4D3 E . 4.42 4.54 5.41
HAA 4D3 E . 0.57 3.65 3.73
HAF 4D3 E . 0.89 5.44 2.05
#